data_4ASE
#
_entry.id   4ASE
#
_cell.length_a   135.095
_cell.length_b   56.299
_cell.length_c   51.991
_cell.angle_alpha   90.00
_cell.angle_beta   96.33
_cell.angle_gamma   90.00
#
_symmetry.space_group_name_H-M   'C 1 2 1'
#
loop_
_entity.id
_entity.type
_entity.pdbx_description
1 polymer 'VASCULAR ENDOTHELIAL GROWTH FACTOR RECEPTOR 2'
2 non-polymer TIVOZANIB
3 water water
#
_entity_poly.entity_id   1
_entity_poly.type   'polypeptide(L)'
_entity_poly.pdbx_seq_one_letter_code
;MGGHHHHHHGLEVLFQGPRTVKRANGGELKTGYLSIVMDPDELPLDEHCERLPYDASKWEFPRDRLKLGKPLGRGAFGQV
IEADAFGIDKTATCRTVAVKMLKEGATHSEHRALMSELKILIHIGHHLNVVNLLGACTKPGGPLMVIVEFCKFGNLSTYL
RSKRNEFVPYKVAPEDLYKDFLTLEHLICYSFQVAKGMEFLASRKCIHRDLAARNILLSEKNVVKICDFGLARDIYKDPD
YVRKGDARLPLKWMAPETIFDRVYTIQSDVWSFGVLLWEIFSLGASPYPGVKIDEEFCRRLKEGTRMRAPDYTTPEMYQT
MLDCWHGEPSQRPTFSELVEHLGNLLQANAQQD
;
_entity_poly.pdbx_strand_id   A
#
loop_
_chem_comp.id
_chem_comp.type
_chem_comp.name
_chem_comp.formula
AV9 non-polymer TIVOZANIB 'C22 H19 Cl N4 O5'
#
# COMPACT_ATOMS: atom_id res chain seq x y z
N ASP A 39 24.86 -2.35 -7.32
CA ASP A 39 25.10 -2.87 -5.95
C ASP A 39 24.00 -3.86 -5.57
N PRO A 40 24.38 -5.09 -5.23
CA PRO A 40 23.43 -6.15 -4.83
C PRO A 40 22.73 -5.84 -3.51
N ASP A 41 23.39 -5.05 -2.67
CA ASP A 41 22.83 -4.67 -1.38
C ASP A 41 21.66 -3.70 -1.57
N GLU A 42 21.73 -2.90 -2.63
CA GLU A 42 20.63 -2.01 -3.00
C GLU A 42 19.45 -2.83 -3.50
N LEU A 43 19.76 -4.00 -4.04
CA LEU A 43 18.76 -4.82 -4.72
C LEU A 43 17.61 -5.22 -3.80
N PRO A 44 16.37 -4.92 -4.21
CA PRO A 44 15.18 -5.33 -3.47
C PRO A 44 15.06 -6.85 -3.39
N LEU A 45 14.76 -7.35 -2.19
CA LEU A 45 14.55 -8.78 -1.99
C LEU A 45 13.48 -9.28 -2.94
N ASP A 46 12.63 -8.36 -3.40
CA ASP A 46 11.56 -8.67 -4.33
C ASP A 46 12.12 -9.33 -5.58
N GLU A 47 13.34 -8.98 -5.93
CA GLU A 47 13.93 -9.40 -7.20
C GLU A 47 14.28 -10.89 -7.24
N HIS A 48 14.91 -11.37 -6.18
CA HIS A 48 15.34 -12.76 -6.14
C HIS A 48 14.67 -13.54 -5.01
N CYS A 49 13.34 -13.54 -5.02
CA CYS A 49 12.54 -14.21 -4.01
C CYS A 49 12.70 -15.72 -4.00
N GLU A 50 13.03 -16.28 -5.16
CA GLU A 50 13.03 -17.73 -5.32
C GLU A 50 14.06 -18.42 -4.42
N ARG A 51 15.01 -17.64 -3.90
CA ARG A 51 16.02 -18.20 -3.01
C ARG A 51 15.67 -18.01 -1.53
N LEU A 52 14.55 -17.33 -1.27
CA LEU A 52 14.08 -17.10 0.10
C LEU A 52 13.45 -18.36 0.67
N PRO A 53 13.70 -18.64 1.96
CA PRO A 53 13.18 -19.85 2.62
C PRO A 53 11.70 -19.76 2.95
N TYR A 54 10.99 -20.88 2.89
CA TYR A 54 9.69 -20.99 3.53
C TYR A 54 9.73 -22.05 4.60
N ASP A 55 9.69 -21.60 5.86
CA ASP A 55 9.75 -22.51 7.00
C ASP A 55 8.34 -22.93 7.40
N ALA A 56 7.89 -24.06 6.87
CA ALA A 56 6.53 -24.53 7.10
C ALA A 56 6.28 -24.82 8.58
N SER A 57 7.32 -25.27 9.29
CA SER A 57 7.15 -25.62 10.70
C SER A 57 6.75 -24.38 11.50
N LYS A 58 6.99 -23.21 10.93
CA LYS A 58 6.61 -21.96 11.59
C LYS A 58 5.32 -21.35 11.03
N TRP A 59 5.17 -21.35 9.70
CA TRP A 59 4.14 -20.53 9.07
C TRP A 59 2.92 -21.29 8.54
N GLU A 60 3.06 -22.59 8.36
CA GLU A 60 1.97 -23.39 7.80
C GLU A 60 0.80 -23.48 8.77
N PHE A 61 -0.39 -23.15 8.28
CA PHE A 61 -1.61 -23.20 9.08
C PHE A 61 -2.52 -24.31 8.54
N PRO A 62 -3.03 -25.18 9.42
CA PRO A 62 -3.85 -26.31 8.96
C PRO A 62 -5.10 -25.86 8.24
N ARG A 63 -5.33 -26.41 7.05
CA ARG A 63 -6.52 -26.04 6.29
C ARG A 63 -7.80 -26.29 7.08
N ASP A 64 -7.81 -27.30 7.94
CA ASP A 64 -9.06 -27.65 8.62
C ASP A 64 -9.36 -26.71 9.79
N ARG A 65 -8.50 -25.70 9.97
CA ARG A 65 -8.72 -24.68 10.99
C ARG A 65 -9.07 -23.33 10.40
N LEU A 66 -9.23 -23.29 9.07
CA LEU A 66 -9.58 -22.05 8.38
C LEU A 66 -10.97 -22.16 7.74
N LYS A 67 -11.92 -21.33 8.18
CA LYS A 67 -13.23 -21.32 7.56
C LYS A 67 -13.36 -20.14 6.61
N LEU A 68 -13.44 -20.41 5.31
CA LEU A 68 -13.56 -19.36 4.31
C LEU A 68 -14.97 -18.77 4.27
N GLY A 69 -15.05 -17.44 4.27
CA GLY A 69 -16.32 -16.76 4.15
C GLY A 69 -16.46 -16.07 2.81
N LYS A 70 -17.08 -14.90 2.82
CA LYS A 70 -17.34 -14.18 1.57
C LYS A 70 -16.11 -13.45 1.05
N PRO A 71 -15.99 -13.33 -0.29
CA PRO A 71 -14.95 -12.50 -0.90
C PRO A 71 -15.07 -11.02 -0.51
N LEU A 72 -13.92 -10.42 -0.20
CA LEU A 72 -13.83 -9.00 0.14
C LEU A 72 -13.54 -8.19 -1.10
N GLY A 73 -12.74 -8.78 -1.99
CA GLY A 73 -12.37 -8.11 -3.23
C GLY A 73 -11.85 -9.11 -4.24
N ARG A 74 -11.97 -8.77 -5.52
CA ARG A 74 -11.54 -9.68 -6.57
C ARG A 74 -10.89 -8.96 -7.73
N GLY A 75 -9.83 -9.54 -8.26
CA GLY A 75 -9.18 -9.02 -9.44
C GLY A 75 -9.45 -9.97 -10.59
N ALA A 76 -8.62 -9.91 -11.63
CA ALA A 76 -8.75 -10.84 -12.73
C ALA A 76 -8.33 -12.23 -12.28
N PHE A 77 -7.16 -12.33 -11.65
CA PHE A 77 -6.53 -13.61 -11.36
C PHE A 77 -6.40 -13.90 -9.88
N GLY A 78 -6.62 -12.89 -9.05
CA GLY A 78 -6.51 -13.07 -7.61
C GLY A 78 -7.72 -12.54 -6.87
N GLN A 79 -7.81 -12.85 -5.58
CA GLN A 79 -8.92 -12.37 -4.76
C GLN A 79 -8.50 -12.36 -3.29
N VAL A 80 -9.23 -11.61 -2.48
CA VAL A 80 -9.06 -11.68 -1.03
C VAL A 80 -10.40 -12.07 -0.41
N ILE A 81 -10.34 -13.07 0.47
CA ILE A 81 -11.54 -13.63 1.08
C ILE A 81 -11.50 -13.38 2.59
N GLU A 82 -12.65 -13.03 3.17
CA GLU A 82 -12.77 -12.96 4.62
C GLU A 82 -12.88 -14.38 5.19
N ALA A 83 -12.21 -14.62 6.31
CA ALA A 83 -12.17 -15.96 6.89
C ALA A 83 -12.10 -15.93 8.42
N ASP A 84 -12.38 -17.06 9.03
CA ASP A 84 -12.13 -17.23 10.45
C ASP A 84 -11.08 -18.29 10.68
N ALA A 85 -9.98 -17.90 11.31
CA ALA A 85 -8.89 -18.81 11.57
C ALA A 85 -8.90 -19.19 13.04
N PHE A 86 -8.99 -20.48 13.34
CA PHE A 86 -9.00 -20.91 14.72
C PHE A 86 -7.60 -21.05 15.28
N GLY A 87 -7.26 -20.22 16.26
CA GLY A 87 -6.00 -20.35 16.96
C GLY A 87 -4.75 -19.91 16.21
N ILE A 88 -4.91 -19.07 15.19
CA ILE A 88 -3.76 -18.74 14.34
C ILE A 88 -2.71 -17.87 15.05
N ASP A 89 -3.16 -16.96 15.91
CA ASP A 89 -2.26 -16.06 16.62
C ASP A 89 -2.39 -16.15 18.14
N LYS A 90 -3.46 -16.76 18.63
CA LYS A 90 -3.68 -16.87 20.07
C LYS A 90 -4.39 -18.19 20.37
N THR A 91 -3.88 -18.94 21.34
CA THR A 91 -4.38 -20.29 21.61
C THR A 91 -5.90 -20.29 21.72
N ALA A 92 -6.54 -21.16 20.94
CA ALA A 92 -7.97 -21.45 21.09
C ALA A 92 -8.85 -20.26 20.77
N THR A 93 -8.30 -19.27 20.07
CA THR A 93 -9.04 -18.05 19.80
C THR A 93 -9.43 -17.92 18.33
N CYS A 94 -10.73 -17.76 18.09
CA CYS A 94 -11.22 -17.47 16.74
C CYS A 94 -10.76 -16.07 16.30
N ARG A 95 -10.31 -15.95 15.06
CA ARG A 95 -9.80 -14.68 14.57
C ARG A 95 -10.30 -14.43 13.15
N THR A 96 -10.93 -13.29 12.93
CA THR A 96 -11.27 -12.88 11.57
C THR A 96 -9.98 -12.50 10.86
N VAL A 97 -9.75 -13.06 9.68
CA VAL A 97 -8.54 -12.78 8.93
C VAL A 97 -8.89 -12.51 7.46
N ALA A 98 -7.92 -12.01 6.71
CA ALA A 98 -8.09 -11.87 5.26
C ALA A 98 -7.15 -12.84 4.56
N VAL A 99 -7.66 -13.51 3.53
CA VAL A 99 -6.87 -14.51 2.86
C VAL A 99 -6.77 -14.17 1.38
N LYS A 100 -5.54 -14.02 0.91
CA LYS A 100 -5.28 -13.79 -0.51
C LYS A 100 -5.03 -15.12 -1.19
N MET A 101 -5.70 -15.33 -2.32
CA MET A 101 -5.55 -16.56 -3.08
C MET A 101 -5.90 -16.27 -4.52
N LEU A 102 -5.71 -17.26 -5.39
CA LEU A 102 -5.94 -17.05 -6.80
C LEU A 102 -7.38 -17.40 -7.13
N LYS A 103 -7.78 -17.15 -8.38
CA LYS A 103 -9.13 -17.44 -8.81
C LYS A 103 -9.10 -17.93 -10.24
N GLU A 104 -10.28 -18.25 -10.77
CA GLU A 104 -10.37 -18.73 -12.15
C GLU A 104 -9.71 -17.74 -13.10
N GLY A 105 -8.82 -18.24 -13.94
CA GLY A 105 -8.08 -17.38 -14.85
C GLY A 105 -6.60 -17.43 -14.57
N ALA A 106 -6.25 -17.65 -13.31
CA ALA A 106 -4.85 -17.73 -12.91
C ALA A 106 -4.18 -18.97 -13.49
N THR A 107 -2.85 -18.90 -13.62
CA THR A 107 -2.07 -20.03 -14.09
C THR A 107 -0.96 -20.33 -13.08
N HIS A 108 -0.11 -21.29 -13.42
CA HIS A 108 1.01 -21.63 -12.56
C HIS A 108 1.90 -20.42 -12.30
N SER A 109 2.03 -19.52 -13.26
CA SER A 109 2.89 -18.36 -13.07
C SER A 109 2.38 -17.46 -11.94
N GLU A 110 1.06 -17.29 -11.84
CA GLU A 110 0.48 -16.53 -10.73
C GLU A 110 0.63 -17.26 -9.39
N HIS A 111 0.61 -18.59 -9.46
CA HIS A 111 0.80 -19.41 -8.27
C HIS A 111 2.23 -19.20 -7.76
N ARG A 112 3.18 -19.17 -8.68
CA ARG A 112 4.56 -18.89 -8.33
C ARG A 112 4.71 -17.47 -7.77
N ALA A 113 4.00 -16.52 -8.35
CA ALA A 113 4.05 -15.13 -7.89
C ALA A 113 3.54 -14.99 -6.45
N LEU A 114 2.45 -15.70 -6.16
CA LEU A 114 1.85 -15.63 -4.83
C LEU A 114 2.79 -16.27 -3.81
N MET A 115 3.46 -17.35 -4.21
CA MET A 115 4.44 -17.96 -3.32
C MET A 115 5.60 -17.01 -3.02
N SER A 116 6.05 -16.27 -4.04
CA SER A 116 7.11 -15.28 -3.82
C SER A 116 6.64 -14.19 -2.88
N GLU A 117 5.39 -13.75 -3.05
CA GLU A 117 4.83 -12.75 -2.16
C GLU A 117 4.87 -13.24 -0.71
N LEU A 118 4.47 -14.49 -0.51
CA LEU A 118 4.51 -15.08 0.84
C LEU A 118 5.92 -15.02 1.42
N LYS A 119 6.91 -15.42 0.62
CA LYS A 119 8.29 -15.43 1.08
C LYS A 119 8.77 -14.01 1.41
N ILE A 120 8.39 -13.05 0.58
CA ILE A 120 8.75 -11.66 0.83
C ILE A 120 8.19 -11.17 2.17
N LEU A 121 6.91 -11.41 2.38
CA LEU A 121 6.26 -11.03 3.64
C LEU A 121 6.97 -11.65 4.85
N ILE A 122 7.31 -12.93 4.75
CA ILE A 122 8.04 -13.58 5.84
C ILE A 122 9.38 -12.87 6.10
N HIS A 123 10.12 -12.61 5.04
CA HIS A 123 11.44 -12.02 5.17
C HIS A 123 11.41 -10.58 5.69
N ILE A 124 10.38 -9.83 5.30
CA ILE A 124 10.25 -8.45 5.77
C ILE A 124 10.13 -8.38 7.28
N GLY A 125 9.32 -9.26 7.85
CA GLY A 125 9.15 -9.24 9.29
C GLY A 125 8.01 -8.33 9.71
N HIS A 126 7.71 -8.32 11.01
CA HIS A 126 6.53 -7.65 11.52
C HIS A 126 6.75 -6.16 11.74
N HIS A 127 5.77 -5.35 11.34
CA HIS A 127 5.75 -3.93 11.70
C HIS A 127 4.30 -3.50 11.84
N LEU A 128 4.04 -2.58 12.77
CA LEU A 128 2.69 -2.10 13.01
C LEU A 128 2.02 -1.58 11.73
N ASN A 129 2.82 -0.95 10.87
CA ASN A 129 2.27 -0.24 9.73
C ASN A 129 2.49 -0.94 8.39
N VAL A 130 2.65 -2.26 8.46
CA VAL A 130 2.62 -3.08 7.25
C VAL A 130 1.67 -4.24 7.55
N VAL A 131 0.83 -4.61 6.59
CA VAL A 131 -0.16 -5.65 6.85
C VAL A 131 0.55 -6.90 7.35
N ASN A 132 0.11 -7.43 8.50
CA ASN A 132 0.85 -8.47 9.20
C ASN A 132 0.48 -9.88 8.74
N LEU A 133 1.50 -10.64 8.34
CA LEU A 133 1.34 -12.05 7.96
C LEU A 133 1.07 -12.92 9.18
N LEU A 134 0.04 -13.74 9.12
CA LEU A 134 -0.31 -14.61 10.24
C LEU A 134 -0.01 -16.09 9.94
N GLY A 135 -0.05 -16.44 8.66
CA GLY A 135 0.20 -17.82 8.29
C GLY A 135 -0.12 -18.08 6.83
N ALA A 136 0.03 -19.33 6.41
CA ALA A 136 -0.26 -19.70 5.03
C ALA A 136 -0.64 -21.17 4.92
N CYS A 137 -1.42 -21.50 3.89
CA CYS A 137 -1.70 -22.89 3.55
C CYS A 137 -0.98 -23.16 2.23
N THR A 138 0.03 -24.03 2.25
CA THR A 138 0.83 -24.29 1.05
C THR A 138 0.79 -25.76 0.65
N LYS A 139 0.17 -26.58 1.49
CA LYS A 139 0.10 -28.02 1.25
C LYS A 139 -0.66 -28.38 -0.02
N PRO A 140 -0.18 -29.38 -0.77
CA PRO A 140 -0.89 -29.79 -1.98
C PRO A 140 -2.31 -30.30 -1.68
N GLY A 141 -3.20 -30.14 -2.66
CA GLY A 141 -4.56 -30.59 -2.50
C GLY A 141 -5.54 -29.44 -2.35
N GLY A 142 -5.01 -28.25 -2.08
CA GLY A 142 -5.82 -27.06 -2.05
C GLY A 142 -5.06 -25.84 -2.59
N PRO A 143 -5.71 -24.69 -2.70
CA PRO A 143 -5.04 -23.49 -3.19
C PRO A 143 -4.01 -22.92 -2.21
N LEU A 144 -2.99 -22.28 -2.76
CA LEU A 144 -2.07 -21.48 -1.96
C LEU A 144 -2.85 -20.31 -1.33
N MET A 145 -2.74 -20.17 -0.02
CA MET A 145 -3.47 -19.14 0.70
C MET A 145 -2.53 -18.36 1.59
N VAL A 146 -2.55 -17.04 1.44
CA VAL A 146 -1.73 -16.19 2.28
C VAL A 146 -2.64 -15.47 3.27
N ILE A 147 -2.42 -15.73 4.55
CA ILE A 147 -3.34 -15.28 5.60
C ILE A 147 -2.75 -14.10 6.37
N VAL A 148 -3.44 -12.96 6.33
CA VAL A 148 -2.98 -11.75 7.03
C VAL A 148 -4.06 -11.18 7.94
N GLU A 149 -3.65 -10.27 8.82
CA GLU A 149 -4.59 -9.67 9.75
C GLU A 149 -5.68 -8.92 8.99
N PHE A 150 -6.90 -8.96 9.51
CA PHE A 150 -8.04 -8.31 8.89
C PHE A 150 -8.06 -6.82 9.30
N CYS A 151 -8.18 -5.93 8.31
CA CYS A 151 -8.28 -4.49 8.57
C CYS A 151 -9.68 -4.01 8.25
N LYS A 152 -10.52 -3.90 9.27
CA LYS A 152 -11.95 -3.92 9.08
C LYS A 152 -12.46 -2.72 8.28
N PHE A 153 -11.74 -1.61 8.30
CA PHE A 153 -12.23 -0.41 7.63
C PHE A 153 -11.83 -0.31 6.16
N GLY A 154 -11.01 -1.24 5.69
CA GLY A 154 -10.70 -1.30 4.28
C GLY A 154 -9.73 -0.21 3.84
N ASN A 155 -9.69 0.05 2.53
CA ASN A 155 -8.71 0.98 1.98
C ASN A 155 -8.96 2.43 2.41
N LEU A 156 -7.87 3.16 2.62
CA LEU A 156 -7.94 4.49 3.20
C LEU A 156 -8.67 5.50 2.31
N SER A 157 -8.54 5.37 0.99
CA SER A 157 -9.16 6.33 0.08
C SER A 157 -10.67 6.35 0.26
N THR A 158 -11.28 5.16 0.18
CA THR A 158 -12.72 5.03 0.35
C THR A 158 -13.14 5.46 1.74
N TYR A 159 -12.34 5.12 2.74
CA TYR A 159 -12.69 5.47 4.11
C TYR A 159 -12.72 6.98 4.30
N LEU A 160 -11.68 7.67 3.83
CA LEU A 160 -11.62 9.11 4.00
C LEU A 160 -12.79 9.83 3.32
N ARG A 161 -13.26 9.31 2.19
CA ARG A 161 -14.39 9.92 1.52
C ARG A 161 -15.68 9.76 2.31
N SER A 162 -15.84 8.59 2.93
CA SER A 162 -17.03 8.33 3.73
C SER A 162 -17.06 9.19 4.98
N LYS A 163 -15.95 9.87 5.26
CA LYS A 163 -15.83 10.67 6.46
C LYS A 163 -15.86 12.18 6.22
N ARG A 164 -16.03 12.58 4.96
CA ARG A 164 -16.03 13.99 4.63
C ARG A 164 -17.16 14.68 5.39
N ASN A 165 -18.22 13.92 5.63
CA ASN A 165 -19.40 14.37 6.33
C ASN A 165 -19.14 14.48 7.82
N GLU A 166 -18.07 13.82 8.27
CA GLU A 166 -17.77 13.72 9.69
C GLU A 166 -16.35 14.18 10.00
N PHE A 167 -15.95 15.28 9.37
CA PHE A 167 -14.62 15.84 9.58
C PHE A 167 -14.69 17.22 10.21
N VAL A 168 -13.82 17.46 11.18
CA VAL A 168 -13.57 18.80 11.70
C VAL A 168 -12.06 18.98 11.82
N PRO A 169 -11.55 20.18 11.49
CA PRO A 169 -10.10 20.39 11.50
C PRO A 169 -9.48 20.21 12.88
N TYR A 170 -10.17 20.66 13.91
CA TYR A 170 -9.66 20.59 15.27
C TYR A 170 -10.73 20.16 16.27
N LYS A 171 -11.16 19.00 16.20
N TYR A 178 -19.18 15.00 18.89
CA TYR A 178 -18.16 15.02 17.80
C TYR A 178 -17.27 13.78 17.82
N LYS A 179 -17.65 12.78 18.62
CA LYS A 179 -16.91 11.53 18.69
C LYS A 179 -16.98 10.81 17.34
N ASP A 180 -15.95 10.02 17.05
CA ASP A 180 -15.89 9.27 15.79
C ASP A 180 -15.62 10.19 14.61
N PHE A 181 -15.44 11.48 14.89
CA PHE A 181 -15.14 12.44 13.84
C PHE A 181 -13.66 12.43 13.47
N LEU A 182 -13.40 12.52 12.17
CA LEU A 182 -12.05 12.70 11.66
C LEU A 182 -11.58 14.12 11.97
N THR A 183 -10.28 14.26 12.20
CA THR A 183 -9.69 15.57 12.45
C THR A 183 -8.38 15.70 11.71
N LEU A 184 -7.83 16.92 11.72
CA LEU A 184 -6.53 17.16 11.10
C LEU A 184 -5.45 16.30 11.71
N GLU A 185 -5.50 16.13 13.03
CA GLU A 185 -4.52 15.29 13.73
C GLU A 185 -4.51 13.86 13.20
N HIS A 186 -5.70 13.33 12.90
CA HIS A 186 -5.83 12.00 12.33
C HIS A 186 -5.12 11.90 10.99
N LEU A 187 -5.34 12.91 10.15
CA LEU A 187 -4.72 12.94 8.82
C LEU A 187 -3.20 12.97 8.90
N ILE A 188 -2.67 13.76 9.82
CA ILE A 188 -1.23 13.85 10.02
C ILE A 188 -0.71 12.53 10.59
N CYS A 189 -1.48 11.95 11.50
CA CYS A 189 -1.11 10.68 12.12
C CYS A 189 -1.06 9.54 11.08
N TYR A 190 -2.04 9.50 10.18
CA TYR A 190 -2.01 8.51 9.10
C TYR A 190 -0.75 8.67 8.22
N SER A 191 -0.41 9.91 7.89
CA SER A 191 0.74 10.21 7.05
C SER A 191 2.04 9.75 7.73
N PHE A 192 2.14 10.04 9.02
CA PHE A 192 3.29 9.64 9.82
C PHE A 192 3.44 8.11 9.83
N GLN A 193 2.33 7.42 10.04
CA GLN A 193 2.34 5.96 10.11
C GLN A 193 2.82 5.35 8.80
N VAL A 194 2.35 5.89 7.68
CA VAL A 194 2.75 5.35 6.40
C VAL A 194 4.22 5.62 6.13
N ALA A 195 4.70 6.79 6.54
CA ALA A 195 6.13 7.08 6.44
C ALA A 195 6.94 6.08 7.27
N LYS A 196 6.46 5.75 8.47
CA LYS A 196 7.12 4.76 9.32
C LYS A 196 7.18 3.39 8.63
N GLY A 197 6.04 2.96 8.07
CA GLY A 197 6.00 1.67 7.42
C GLY A 197 6.93 1.63 6.22
N MET A 198 6.98 2.73 5.47
CA MET A 198 7.87 2.79 4.31
C MET A 198 9.34 2.84 4.71
N GLU A 199 9.65 3.57 5.79
CA GLU A 199 11.01 3.58 6.30
C GLU A 199 11.40 2.15 6.67
N PHE A 200 10.47 1.43 7.28
CA PHE A 200 10.72 0.05 7.67
C PHE A 200 10.94 -0.83 6.43
N LEU A 201 10.07 -0.70 5.44
CA LEU A 201 10.22 -1.48 4.22
C LEU A 201 11.56 -1.20 3.54
N ALA A 202 11.95 0.07 3.50
CA ALA A 202 13.24 0.43 2.89
C ALA A 202 14.37 -0.27 3.64
N SER A 203 14.26 -0.34 4.96
CA SER A 203 15.30 -0.94 5.78
C SER A 203 15.42 -2.45 5.57
N ARG A 204 14.37 -3.06 5.05
CA ARG A 204 14.39 -4.49 4.75
C ARG A 204 14.75 -4.72 3.28
N LYS A 205 15.20 -3.65 2.62
CA LYS A 205 15.65 -3.71 1.24
C LYS A 205 14.49 -4.00 0.29
N CYS A 206 13.32 -3.47 0.60
CA CYS A 206 12.17 -3.60 -0.29
C CYS A 206 11.72 -2.24 -0.80
N ILE A 207 11.15 -2.22 -1.99
CA ILE A 207 10.47 -1.03 -2.48
C ILE A 207 9.08 -1.41 -2.94
N HIS A 208 8.14 -0.48 -2.80
CA HIS A 208 6.74 -0.83 -2.98
C HIS A 208 6.27 -0.84 -4.44
N ARG A 209 6.51 0.24 -5.17
CA ARG A 209 6.19 0.30 -6.61
C ARG A 209 4.72 0.51 -6.95
N ASP A 210 3.84 0.53 -5.95
CA ASP A 210 2.45 0.92 -6.21
C ASP A 210 1.86 1.60 -4.97
N LEU A 211 2.64 2.51 -4.39
CA LEU A 211 2.20 3.19 -3.17
C LEU A 211 1.10 4.18 -3.54
N ALA A 212 -0.03 4.07 -2.86
CA ALA A 212 -1.21 4.89 -3.12
C ALA A 212 -2.22 4.63 -1.99
N ALA A 213 -3.16 5.53 -1.82
CA ALA A 213 -4.15 5.38 -0.76
C ALA A 213 -4.96 4.08 -0.87
N ARG A 214 -5.14 3.61 -2.10
CA ARG A 214 -5.89 2.37 -2.35
C ARG A 214 -5.13 1.15 -1.82
N ASN A 215 -3.83 1.33 -1.55
CA ASN A 215 -3.00 0.26 -1.02
C ASN A 215 -2.62 0.52 0.44
N ILE A 216 -3.36 1.41 1.09
CA ILE A 216 -3.28 1.58 2.53
C ILE A 216 -4.58 1.10 3.17
N LEU A 217 -4.47 0.21 4.16
CA LEU A 217 -5.65 -0.28 4.85
C LEU A 217 -5.75 0.30 6.25
N LEU A 218 -6.99 0.45 6.72
CA LEU A 218 -7.23 1.02 8.04
C LEU A 218 -7.82 -0.03 8.97
N SER A 219 -7.14 -0.25 10.09
CA SER A 219 -7.57 -1.20 11.10
C SER A 219 -8.22 -0.42 12.25
N GLU A 220 -8.52 -1.10 13.35
CA GLU A 220 -9.08 -0.43 14.53
C GLU A 220 -8.06 0.52 15.18
N LYS A 221 -8.56 1.43 16.00
CA LYS A 221 -7.70 2.36 16.75
C LYS A 221 -6.81 3.21 15.84
N ASN A 222 -7.32 3.52 14.65
CA ASN A 222 -6.67 4.43 13.71
C ASN A 222 -5.27 4.00 13.28
N VAL A 223 -5.03 2.70 13.28
CA VAL A 223 -3.77 2.16 12.75
C VAL A 223 -3.91 1.89 11.26
N VAL A 224 -2.98 2.43 10.47
CA VAL A 224 -2.99 2.13 9.04
C VAL A 224 -1.88 1.18 8.65
N LYS A 225 -2.12 0.36 7.63
CA LYS A 225 -1.16 -0.64 7.22
C LYS A 225 -0.92 -0.59 5.72
N ILE A 226 0.35 -0.56 5.34
CA ILE A 226 0.70 -0.59 3.94
C ILE A 226 0.40 -1.98 3.40
N CYS A 227 -0.25 -2.03 2.24
CA CYS A 227 -0.59 -3.29 1.57
C CYS A 227 -0.18 -3.23 0.11
N ASP A 228 -0.30 -4.37 -0.57
CA ASP A 228 -0.25 -4.39 -2.03
C ASP A 228 -1.23 -5.44 -2.49
N PHE A 229 -2.32 -4.99 -3.09
CA PHE A 229 -3.34 -5.94 -3.51
C PHE A 229 -2.87 -6.80 -4.66
N GLY A 230 -1.98 -6.25 -5.48
CA GLY A 230 -1.44 -7.01 -6.61
C GLY A 230 -2.52 -7.66 -7.47
N LEU A 231 -2.46 -8.99 -7.58
CA LEU A 231 -3.38 -9.73 -8.43
C LEU A 231 -4.83 -9.64 -7.97
N ALA A 232 -5.06 -9.26 -6.72
CA ALA A 232 -6.43 -9.22 -6.19
C ALA A 232 -7.16 -7.93 -6.56
N ARG A 233 -6.48 -7.05 -7.30
CA ARG A 233 -7.13 -5.88 -7.87
C ARG A 233 -7.27 -6.06 -9.38
N ASP A 234 -8.42 -5.67 -9.93
CA ASP A 234 -8.64 -5.77 -11.36
C ASP A 234 -8.17 -4.49 -12.05
N ILE A 235 -6.92 -4.50 -12.50
CA ILE A 235 -6.29 -3.26 -12.94
C ILE A 235 -6.72 -2.81 -14.32
N TYR A 236 -7.28 -3.73 -15.11
CA TYR A 236 -7.77 -3.35 -16.42
C TYR A 236 -9.17 -2.74 -16.31
N LYS A 237 -9.80 -2.92 -15.17
CA LYS A 237 -11.09 -2.30 -14.91
C LYS A 237 -10.96 -1.05 -14.05
N ASP A 238 -9.81 -0.91 -13.39
CA ASP A 238 -9.58 0.22 -12.49
C ASP A 238 -9.06 1.42 -13.25
N PRO A 239 -9.75 2.56 -13.15
CA PRO A 239 -9.37 3.81 -13.79
C PRO A 239 -7.98 4.30 -13.39
N ASP A 240 -7.57 3.95 -12.17
CA ASP A 240 -6.28 4.37 -11.63
C ASP A 240 -5.10 3.80 -12.41
N TYR A 241 -5.36 2.76 -13.20
CA TYR A 241 -4.30 2.12 -13.97
C TYR A 241 -4.52 2.34 -15.46
N VAL A 242 -3.54 2.96 -16.10
CA VAL A 242 -3.67 3.41 -17.48
C VAL A 242 -2.90 2.49 -18.42
N ARG A 243 -3.47 2.24 -19.59
CA ARG A 243 -2.81 1.37 -20.56
C ARG A 243 -1.62 2.09 -21.18
N LYS A 244 -0.44 1.49 -21.03
CA LYS A 244 0.76 1.99 -21.70
C LYS A 244 1.50 0.77 -22.26
N GLY A 245 1.41 0.58 -23.57
CA GLY A 245 1.88 -0.66 -24.16
C GLY A 245 0.94 -1.79 -23.82
N ASP A 246 1.50 -2.93 -23.42
CA ASP A 246 0.69 -4.06 -22.97
C ASP A 246 0.37 -3.94 -21.48
N ALA A 247 1.08 -3.04 -20.80
CA ALA A 247 0.96 -2.90 -19.35
C ALA A 247 -0.07 -1.86 -18.94
N ARG A 248 -0.58 -1.98 -17.72
CA ARG A 248 -1.47 -0.97 -17.15
C ARG A 248 -0.79 -0.39 -15.92
N LEU A 249 -0.53 0.91 -15.93
CA LEU A 249 0.32 1.54 -14.94
C LEU A 249 -0.40 2.64 -14.16
N PRO A 250 -0.10 2.76 -12.86
CA PRO A 250 -0.63 3.83 -12.00
C PRO A 250 0.05 5.17 -12.29
N LEU A 251 -0.16 5.69 -13.49
CA LEU A 251 0.61 6.84 -13.97
C LEU A 251 0.56 8.05 -13.04
N LYS A 252 -0.62 8.36 -12.52
CA LYS A 252 -0.79 9.54 -11.68
C LYS A 252 0.01 9.48 -10.37
N TRP A 253 0.58 8.32 -10.06
CA TRP A 253 1.35 8.15 -8.83
C TRP A 253 2.83 7.98 -9.11
N MET A 254 3.18 7.86 -10.39
CA MET A 254 4.52 7.47 -10.78
C MET A 254 5.46 8.65 -10.99
N ALA A 255 6.68 8.49 -10.50
CA ALA A 255 7.70 9.52 -10.62
C ALA A 255 8.09 9.67 -12.09
N PRO A 256 8.62 10.85 -12.45
CA PRO A 256 9.02 11.12 -13.84
C PRO A 256 10.04 10.10 -14.36
N GLU A 257 11.03 9.77 -13.54
CA GLU A 257 12.05 8.82 -13.97
C GLU A 257 11.48 7.43 -14.20
N THR A 258 10.40 7.11 -13.49
CA THR A 258 9.75 5.81 -13.63
C THR A 258 8.92 5.78 -14.93
N ILE A 259 8.24 6.88 -15.21
CA ILE A 259 7.43 6.98 -16.42
C ILE A 259 8.30 7.00 -17.68
N PHE A 260 9.38 7.77 -17.65
CA PHE A 260 10.19 7.99 -18.84
C PHE A 260 11.33 7.00 -18.98
N ASP A 261 11.96 6.64 -17.87
CA ASP A 261 13.13 5.77 -17.91
C ASP A 261 12.86 4.39 -17.31
N ARG A 262 11.67 4.22 -16.73
CA ARG A 262 11.26 2.93 -16.18
C ARG A 262 12.13 2.47 -15.01
N VAL A 263 12.64 3.43 -14.25
CA VAL A 263 13.43 3.12 -13.06
C VAL A 263 12.58 3.19 -11.80
N TYR A 264 12.61 2.12 -11.01
CA TYR A 264 11.92 2.10 -9.72
C TYR A 264 12.93 2.10 -8.59
N THR A 265 12.92 3.14 -7.76
CA THR A 265 13.77 3.20 -6.59
C THR A 265 12.96 3.61 -5.36
N ILE A 266 13.59 3.61 -4.19
CA ILE A 266 12.89 4.03 -2.99
C ILE A 266 12.55 5.50 -3.08
N GLN A 267 13.36 6.27 -3.80
CA GLN A 267 13.07 7.70 -3.92
C GLN A 267 11.92 7.97 -4.88
N SER A 268 11.66 7.06 -5.81
CA SER A 268 10.47 7.21 -6.63
C SER A 268 9.22 6.85 -5.80
N ASP A 269 9.38 5.99 -4.80
CA ASP A 269 8.32 5.75 -3.82
C ASP A 269 8.04 7.02 -3.01
N VAL A 270 9.06 7.82 -2.76
CA VAL A 270 8.87 9.09 -2.08
C VAL A 270 7.96 10.00 -2.90
N TRP A 271 8.18 10.04 -4.21
CA TRP A 271 7.30 10.79 -5.10
C TRP A 271 5.85 10.28 -4.95
N SER A 272 5.67 8.96 -5.00
CA SER A 272 4.33 8.39 -4.86
C SER A 272 3.74 8.74 -3.49
N PHE A 273 4.58 8.77 -2.47
CA PHE A 273 4.13 9.11 -1.12
C PHE A 273 3.57 10.53 -1.12
N GLY A 274 4.22 11.40 -1.89
CA GLY A 274 3.71 12.76 -2.02
C GLY A 274 2.31 12.79 -2.58
N VAL A 275 2.04 11.94 -3.56
CA VAL A 275 0.68 11.85 -4.12
C VAL A 275 -0.28 11.28 -3.08
N LEU A 276 0.18 10.29 -2.32
CA LEU A 276 -0.61 9.71 -1.25
C LEU A 276 -0.96 10.77 -0.21
N LEU A 277 -0.01 11.65 0.08
CA LEU A 277 -0.29 12.77 0.99
C LEU A 277 -1.41 13.64 0.42
N TRP A 278 -1.37 13.89 -0.88
CA TRP A 278 -2.40 14.69 -1.53
C TRP A 278 -3.76 13.99 -1.39
N GLU A 279 -3.78 12.68 -1.58
CA GLU A 279 -5.01 11.92 -1.38
C GLU A 279 -5.55 12.05 0.05
N ILE A 280 -4.66 11.97 1.04
CA ILE A 280 -5.09 12.02 2.44
C ILE A 280 -5.68 13.39 2.76
N PHE A 281 -5.03 14.45 2.31
CA PHE A 281 -5.49 15.79 2.64
C PHE A 281 -6.50 16.34 1.63
N SER A 282 -6.98 15.46 0.75
CA SER A 282 -8.14 15.74 -0.09
C SER A 282 -9.31 14.91 0.40
N LEU A 283 -9.09 14.21 1.52
CA LEU A 283 -10.01 13.20 2.01
C LEU A 283 -10.45 12.22 0.94
N GLY A 284 -9.48 11.70 0.19
CA GLY A 284 -9.74 10.60 -0.71
C GLY A 284 -10.18 11.00 -2.11
N ALA A 285 -9.77 12.19 -2.55
CA ALA A 285 -10.04 12.60 -3.93
C ALA A 285 -9.12 11.87 -4.90
N SER A 286 -9.47 11.89 -6.18
CA SER A 286 -8.60 11.33 -7.20
C SER A 286 -7.64 12.41 -7.69
N PRO A 287 -6.33 12.09 -7.78
CA PRO A 287 -5.32 13.08 -8.20
C PRO A 287 -5.48 13.55 -9.65
N TYR A 288 -4.99 14.75 -9.91
CA TYR A 288 -5.11 15.39 -11.22
C TYR A 288 -6.53 15.17 -11.75
N PRO A 289 -7.53 15.69 -11.02
CA PRO A 289 -8.94 15.46 -11.37
C PRO A 289 -9.34 16.12 -12.69
N GLY A 290 -9.97 15.34 -13.56
CA GLY A 290 -10.41 15.86 -14.84
C GLY A 290 -9.31 15.89 -15.87
N VAL A 291 -8.07 15.69 -15.43
CA VAL A 291 -6.92 15.78 -16.32
C VAL A 291 -6.77 14.53 -17.18
N LYS A 292 -6.56 14.72 -18.47
CA LYS A 292 -6.33 13.59 -19.36
C LYS A 292 -4.89 13.13 -19.20
N ILE A 293 -4.72 11.86 -18.84
CA ILE A 293 -3.40 11.32 -18.57
C ILE A 293 -2.77 10.80 -19.85
N ASP A 294 -2.30 11.73 -20.68
CA ASP A 294 -1.66 11.37 -21.94
C ASP A 294 -0.17 11.74 -21.89
N GLU A 295 0.48 11.73 -23.04
CA GLU A 295 1.90 12.00 -23.11
C GLU A 295 2.19 13.47 -22.86
N GLU A 296 1.18 14.31 -23.04
CA GLU A 296 1.32 15.74 -22.80
C GLU A 296 1.29 15.98 -21.30
N PHE A 297 0.53 15.16 -20.59
CA PHE A 297 0.51 15.18 -19.14
C PHE A 297 1.89 14.86 -18.60
N CYS A 298 2.50 13.82 -19.15
CA CYS A 298 3.81 13.36 -18.70
C CYS A 298 4.87 14.43 -18.96
N ARG A 299 4.70 15.16 -20.06
CA ARG A 299 5.66 16.20 -20.43
C ARG A 299 5.52 17.37 -19.45
N ARG A 300 4.28 17.80 -19.22
CA ARG A 300 4.01 18.87 -18.28
C ARG A 300 4.64 18.57 -16.93
N LEU A 301 4.57 17.29 -16.53
CA LEU A 301 5.09 16.85 -15.25
C LEU A 301 6.61 17.02 -15.24
N LYS A 302 7.23 16.71 -16.37
CA LYS A 302 8.67 16.87 -16.54
C LYS A 302 9.07 18.33 -16.43
N GLU A 303 8.19 19.23 -16.87
CA GLU A 303 8.48 20.65 -16.93
C GLU A 303 8.43 21.29 -15.54
N GLY A 304 7.74 20.64 -14.61
CA GLY A 304 7.63 21.17 -13.27
C GLY A 304 6.22 21.48 -12.83
N THR A 305 5.24 21.08 -13.64
CA THR A 305 3.84 21.23 -13.27
C THR A 305 3.51 20.29 -12.10
N ARG A 306 2.88 20.83 -11.06
CA ARG A 306 2.47 20.03 -9.91
C ARG A 306 1.01 20.28 -9.57
N MET A 307 0.40 19.37 -8.81
CA MET A 307 -0.96 19.58 -8.34
C MET A 307 -1.02 20.80 -7.41
N ARG A 308 -2.16 21.48 -7.43
CA ARG A 308 -2.42 22.54 -6.45
C ARG A 308 -2.77 21.90 -5.11
N ALA A 309 -2.71 22.69 -4.05
CA ALA A 309 -2.98 22.17 -2.70
C ALA A 309 -4.40 21.62 -2.59
N PRO A 310 -4.55 20.47 -1.90
CA PRO A 310 -5.88 19.88 -1.64
C PRO A 310 -6.63 20.66 -0.56
N ASP A 311 -7.93 20.41 -0.47
CA ASP A 311 -8.83 21.25 0.31
C ASP A 311 -8.61 21.23 1.81
N TYR A 312 -7.92 20.21 2.31
CA TYR A 312 -7.79 20.03 3.74
C TYR A 312 -6.35 20.11 4.24
N THR A 313 -5.43 20.53 3.36
CA THR A 313 -4.02 20.58 3.72
C THR A 313 -3.69 21.78 4.61
N THR A 314 -2.59 21.66 5.34
CA THR A 314 -1.94 22.82 5.95
C THR A 314 -0.85 23.28 4.99
N PRO A 315 -0.33 24.49 5.19
CA PRO A 315 0.78 24.96 4.35
C PRO A 315 2.02 24.07 4.43
N GLU A 316 2.36 23.65 5.64
CA GLU A 316 3.52 22.78 5.82
C GLU A 316 3.33 21.42 5.14
N MET A 317 2.12 20.88 5.20
CA MET A 317 1.87 19.61 4.53
C MET A 317 1.97 19.74 3.01
N TYR A 318 1.55 20.89 2.47
CA TYR A 318 1.64 21.07 1.03
C TYR A 318 3.09 21.23 0.60
N GLN A 319 3.87 21.93 1.40
CA GLN A 319 5.29 22.09 1.08
C GLN A 319 5.96 20.72 1.10
N THR A 320 5.52 19.86 2.02
CA THR A 320 6.05 18.51 2.10
C THR A 320 5.75 17.74 0.81
N MET A 321 4.53 17.87 0.29
CA MET A 321 4.19 17.23 -0.97
C MET A 321 5.09 17.74 -2.07
N LEU A 322 5.25 19.07 -2.13
CA LEU A 322 6.11 19.67 -3.13
C LEU A 322 7.54 19.15 -3.00
N ASP A 323 8.03 19.03 -1.77
CA ASP A 323 9.34 18.43 -1.54
C ASP A 323 9.43 17.01 -2.09
N CYS A 324 8.37 16.23 -1.87
CA CYS A 324 8.35 14.86 -2.37
C CYS A 324 8.31 14.82 -3.90
N TRP A 325 7.85 15.91 -4.50
CA TRP A 325 7.70 15.95 -5.95
C TRP A 325 8.84 16.68 -6.64
N HIS A 326 10.00 16.74 -6.00
CA HIS A 326 11.15 17.35 -6.64
C HIS A 326 11.52 16.54 -7.88
N GLY A 327 11.75 17.25 -8.99
CA GLY A 327 12.13 16.58 -10.22
C GLY A 327 13.36 15.70 -10.05
N GLU A 328 14.31 16.15 -9.23
CA GLU A 328 15.52 15.39 -8.97
C GLU A 328 15.33 14.43 -7.79
N PRO A 329 15.46 13.12 -8.04
CA PRO A 329 15.21 12.09 -7.03
C PRO A 329 16.08 12.23 -5.79
N SER A 330 17.33 12.64 -5.97
CA SER A 330 18.26 12.76 -4.85
C SER A 330 17.96 13.98 -4.00
N GLN A 331 17.12 14.87 -4.52
CA GLN A 331 16.74 16.07 -3.78
C GLN A 331 15.40 15.93 -3.07
N ARG A 332 14.73 14.81 -3.27
CA ARG A 332 13.54 14.49 -2.47
C ARG A 332 14.01 14.03 -1.08
N PRO A 333 13.19 14.28 -0.05
CA PRO A 333 13.53 13.75 1.27
C PRO A 333 13.54 12.22 1.26
N THR A 334 14.26 11.62 2.20
CA THR A 334 14.17 10.18 2.41
C THR A 334 12.97 9.92 3.31
N PHE A 335 12.58 8.66 3.44
CA PHE A 335 11.49 8.34 4.36
C PHE A 335 11.89 8.58 5.82
N SER A 336 13.16 8.37 6.14
CA SER A 336 13.66 8.68 7.48
C SER A 336 13.40 10.15 7.81
N GLU A 337 13.64 11.02 6.82
CA GLU A 337 13.45 12.45 7.03
C GLU A 337 11.98 12.80 7.12
N LEU A 338 11.17 12.12 6.31
CA LEU A 338 9.73 12.30 6.38
C LEU A 338 9.18 11.85 7.73
N VAL A 339 9.74 10.78 8.28
CA VAL A 339 9.31 10.29 9.59
C VAL A 339 9.59 11.36 10.65
N GLU A 340 10.81 11.87 10.68
CA GLU A 340 11.17 12.89 11.66
C GLU A 340 10.29 14.13 11.50
N HIS A 341 10.12 14.55 10.25
CA HIS A 341 9.38 15.77 9.94
C HIS A 341 7.90 15.69 10.28
N LEU A 342 7.27 14.59 9.90
CA LEU A 342 5.85 14.39 10.19
C LEU A 342 5.61 14.22 11.68
N GLY A 343 6.57 13.63 12.38
CA GLY A 343 6.46 13.51 13.82
C GLY A 343 6.49 14.88 14.48
N ASN A 344 7.34 15.76 13.96
CA ASN A 344 7.40 17.13 14.43
C ASN A 344 6.10 17.86 14.15
N LEU A 345 5.56 17.71 12.94
CA LEU A 345 4.28 18.31 12.61
C LEU A 345 3.17 17.77 13.50
N LEU A 346 3.25 16.48 13.82
CA LEU A 346 2.23 15.83 14.62
C LEU A 346 2.21 16.45 16.01
N GLN A 347 3.40 16.79 16.51
CA GLN A 347 3.54 17.37 17.84
C GLN A 347 3.13 18.83 17.86
N ALA A 348 3.45 19.55 16.79
CA ALA A 348 3.10 20.97 16.68
C ALA A 348 1.58 21.14 16.57
N ASN A 349 0.94 20.23 15.85
CA ASN A 349 -0.51 20.25 15.70
C ASN A 349 -1.19 19.94 17.04
N ALA A 350 -0.38 19.58 18.03
CA ALA A 350 -0.89 19.31 19.37
C ALA A 350 -0.62 20.50 20.29
N GLN A 351 -0.97 21.64 19.91
C1 AV9 B . -10.83 -5.61 3.44
C2 AV9 B . -9.98 -5.84 4.58
C3 AV9 B . -8.68 -6.39 4.43
C4 AV9 B . -8.20 -6.72 3.11
C5 AV9 B . -9.06 -6.49 1.97
C6 AV9 B . -10.37 -5.94 2.12
N7 AV9 B . -7.92 -6.57 5.54
C8 AV9 B . -6.66 -7.09 5.41
C9 AV9 B . -6.10 -7.46 4.19
C10 AV9 B . -6.88 -7.27 3.00
O11 AV9 B . -6.48 -7.59 1.68
C12 AV9 B . -5.17 -7.89 1.38
C13 AV9 B . -4.60 -9.17 1.71
C15 AV9 B . -2.47 -8.41 0.75
C16 AV9 B . -3.08 -7.14 0.44
C17 AV9 B . -4.41 -6.88 0.76
O25 AV9 B . 4.48 -7.07 0.19
C11 AV9 B . -3.24 -9.42 1.39
N28 AV9 B . -1.11 -8.65 0.43
O33 AV9 B . -11.25 -5.68 1.07
O34 AV9 B . -12.12 -5.09 3.51
C35 AV9 B . -0.10 -7.71 0.69
O36 AV9 B . -0.30 -6.62 1.21
N37 AV9 B . 1.15 -8.18 0.26
C38 AV9 B . 2.36 -7.49 0.37
C40 AV9 B . 4.83 -4.87 1.14
C30 AV9 B . 3.93 -5.99 0.78
C43 AV9 B . 2.59 -6.20 0.92
N21 AV9 B . 3.50 -8.01 -0.08
CL4 AV9 B . -2.55 -10.96 1.78
C49 AV9 B . -10.85 -5.98 -0.27
C53 AV9 B . -12.66 -4.73 4.78
#